data_5Z6T
#
_entry.id   5Z6T
#
_cell.length_a   97.654
_cell.length_b   97.654
_cell.length_c   160.119
_cell.angle_alpha   90.000
_cell.angle_beta   90.000
_cell.angle_gamma   90.000
#
_symmetry.space_group_name_H-M   'P 42 21 2'
#
loop_
_entity.id
_entity.type
_entity.pdbx_description
1 polymer 'NAD(P)H-dependent D-xylose reductase'
2 non-polymer 'NADP NICOTINAMIDE-ADENINE-DINUCLEOTIDE PHOSPHATE'
3 water water
#
_entity_poly.entity_id   1
_entity_poly.type   'polypeptide(L)'
_entity_poly.pdbx_seq_one_letter_code
;MSYYHHHHHHDYDIPTTENIYFQGHMPSIKLNSGYDMPAVGFGCWKVDVDTCSEQIYRAIKTGYRLFDGAEDYANEKLVG
AGVKKAIDEGIVKREDLFLTSKLWNNYHHPDNVEKALNRTLSDLQVDYVDLFLIHFPVTFKFVPLEEKYPPGFYCGKGDN
FDYEDVPILETWKALEKLVKAGKIRSIGVSNFPGALLLDLLRGATIKPSVLQVEHHPYLQQPRLIEFAQSRGIAVTAYSS
FGPQSFVELNQGRALNTSPLFENETIKAIAAKHGKSPAQVLLRWSSQRGIAIIPKSNTVPRLLENKDVNSFDLDEQDFAD
IAKLDINLRFNDPWDWDKIPIFV
;
_entity_poly.pdbx_strand_id   A,B
#
# COMPACT_ATOMS: atom_id res chain seq x y z
N PRO A 27 -27.65 -17.01 5.00
CA PRO A 27 -27.22 -15.60 5.16
C PRO A 27 -26.26 -15.12 4.03
N SER A 28 -26.50 -13.90 3.55
CA SER A 28 -26.08 -13.43 2.25
C SER A 28 -25.53 -12.01 2.32
N ILE A 29 -24.64 -11.64 1.40
CA ILE A 29 -24.09 -10.24 1.34
C ILE A 29 -24.45 -9.75 -0.05
N LYS A 30 -25.10 -8.59 -0.10
CA LYS A 30 -25.50 -8.02 -1.33
C LYS A 30 -24.30 -7.27 -1.86
N LEU A 31 -23.75 -7.73 -2.96
CA LEU A 31 -22.63 -7.08 -3.63
C LEU A 31 -23.09 -5.86 -4.39
N ASN A 32 -22.17 -4.98 -4.67
CA ASN A 32 -22.48 -3.82 -5.46
C ASN A 32 -22.72 -4.10 -6.90
N SER A 33 -22.44 -5.30 -7.37
CA SER A 33 -22.84 -5.73 -8.71
C SER A 33 -24.32 -6.11 -8.78
N GLY A 34 -24.99 -6.25 -7.64
CA GLY A 34 -26.38 -6.69 -7.65
C GLY A 34 -26.61 -8.13 -7.23
N TYR A 35 -25.58 -8.97 -7.26
CA TYR A 35 -25.73 -10.37 -6.86
C TYR A 35 -25.45 -10.52 -5.40
N ASP A 36 -26.01 -11.59 -4.83
CA ASP A 36 -25.86 -11.96 -3.43
C ASP A 36 -24.77 -12.98 -3.28
N MET A 37 -23.89 -12.79 -2.32
CA MET A 37 -22.81 -13.73 -2.10
C MET A 37 -23.08 -14.38 -0.75
N PRO A 38 -23.16 -15.72 -0.72
CA PRO A 38 -23.24 -16.43 0.54
C PRO A 38 -22.18 -15.96 1.51
N ALA A 39 -22.56 -15.67 2.74
CA ALA A 39 -21.62 -15.14 3.74
C ALA A 39 -20.66 -16.19 4.33
N VAL A 40 -20.94 -17.47 4.18
CA VAL A 40 -20.06 -18.52 4.70
C VAL A 40 -19.82 -19.50 3.58
N GLY A 41 -18.55 -19.76 3.27
CA GLY A 41 -18.24 -20.61 2.13
C GLY A 41 -17.24 -21.67 2.52
N PHE A 42 -16.84 -22.42 1.53
CA PHE A 42 -15.91 -23.51 1.67
C PHE A 42 -14.62 -23.15 0.88
N GLY A 43 -13.51 -23.16 1.59
CA GLY A 43 -12.18 -22.85 1.09
C GLY A 43 -11.54 -24.02 0.38
N CYS A 44 -11.06 -23.81 -0.84
CA CYS A 44 -10.52 -24.89 -1.63
C CYS A 44 -9.01 -25.01 -1.65
N TRP A 45 -8.28 -24.19 -0.89
CA TRP A 45 -6.81 -24.24 -0.91
C TRP A 45 -6.33 -25.45 -0.15
N LYS A 46 -5.56 -26.31 -0.83
CA LYS A 46 -4.85 -27.47 -0.20
C LYS A 46 -5.85 -28.50 0.33
N VAL A 47 -6.96 -28.68 -0.36
CA VAL A 47 -7.93 -29.69 0.02
C VAL A 47 -7.26 -30.98 -0.41
N ASP A 48 -7.27 -32.02 0.43
CA ASP A 48 -6.64 -33.31 0.07
C ASP A 48 -6.99 -33.67 -1.38
N VAL A 49 -6.00 -33.83 -2.25
CA VAL A 49 -6.34 -34.06 -3.68
C VAL A 49 -7.17 -35.37 -3.97
N ASP A 50 -6.97 -36.41 -3.16
CA ASP A 50 -7.59 -37.72 -3.47
C ASP A 50 -9.08 -37.69 -3.15
N THR A 51 -9.47 -36.84 -2.20
CA THR A 51 -10.89 -36.70 -1.82
C THR A 51 -11.52 -35.36 -2.19
N CYS A 52 -10.90 -34.62 -3.12
CA CYS A 52 -11.34 -33.25 -3.34
C CYS A 52 -12.75 -33.26 -3.95
N SER A 53 -12.98 -34.02 -5.01
CA SER A 53 -14.30 -34.04 -5.64
C SER A 53 -15.44 -34.49 -4.69
N GLU A 54 -15.16 -35.55 -3.93
CA GLU A 54 -16.06 -36.11 -2.89
C GLU A 54 -16.38 -35.02 -1.87
N GLN A 55 -15.32 -34.35 -1.37
CA GLN A 55 -15.50 -33.25 -0.40
C GLN A 55 -16.36 -32.08 -0.86
N ILE A 56 -16.23 -31.73 -2.12
CA ILE A 56 -17.02 -30.65 -2.66
C ILE A 56 -18.50 -31.11 -2.66
N TYR A 57 -18.74 -32.31 -3.19
CA TYR A 57 -20.10 -32.90 -3.28
C TYR A 57 -20.71 -32.95 -1.89
N ARG A 58 -19.96 -33.47 -0.96
CA ARG A 58 -20.39 -33.55 0.41
C ARG A 58 -20.71 -32.21 1.09
N ALA A 59 -19.84 -31.22 0.89
CA ALA A 59 -20.14 -29.88 1.35
C ALA A 59 -21.43 -29.32 0.70
N ILE A 60 -21.65 -29.55 -0.60
CA ILE A 60 -22.86 -29.03 -1.24
C ILE A 60 -24.15 -29.64 -0.60
N LYS A 61 -24.06 -30.94 -0.38
CA LYS A 61 -25.10 -31.74 0.24
C LYS A 61 -25.34 -31.27 1.70
N THR A 62 -24.26 -30.93 2.42
CA THR A 62 -24.34 -30.31 3.77
C THR A 62 -24.88 -28.87 3.80
N GLY A 63 -25.02 -28.21 2.65
CA GLY A 63 -25.61 -26.84 2.60
C GLY A 63 -24.72 -25.67 2.15
N TYR A 64 -23.43 -25.92 1.92
CA TYR A 64 -22.51 -24.85 1.48
C TYR A 64 -22.84 -24.48 0.06
N ARG A 65 -22.95 -23.17 -0.17
CA ARG A 65 -23.24 -22.71 -1.53
C ARG A 65 -22.12 -21.89 -2.22
N LEU A 66 -21.11 -21.47 -1.48
CA LEU A 66 -19.98 -20.71 -2.06
C LEU A 66 -18.75 -21.54 -1.89
N PHE A 67 -17.98 -21.60 -2.96
CA PHE A 67 -16.72 -22.34 -3.04
C PHE A 67 -15.61 -21.42 -3.53
N ASP A 68 -14.62 -21.24 -2.70
CA ASP A 68 -13.60 -20.23 -2.94
C ASP A 68 -12.43 -20.96 -3.55
N GLY A 69 -12.27 -20.79 -4.85
CA GLY A 69 -11.23 -21.53 -5.59
C GLY A 69 -10.23 -20.61 -6.26
N ALA A 70 -9.24 -21.21 -6.92
CA ALA A 70 -8.25 -20.42 -7.63
C ALA A 70 -7.51 -21.26 -8.65
N GLU A 71 -7.11 -20.65 -9.78
CA GLU A 71 -6.24 -21.36 -10.77
C GLU A 71 -5.04 -21.96 -10.08
N ASP A 72 -4.46 -21.19 -9.18
CA ASP A 72 -3.27 -21.63 -8.47
C ASP A 72 -3.44 -22.82 -7.51
N TYR A 73 -4.68 -23.14 -7.11
CA TYR A 73 -4.90 -24.26 -6.12
C TYR A 73 -4.83 -25.65 -6.77
N ALA A 74 -4.91 -25.70 -8.12
CA ALA A 74 -4.50 -26.86 -8.88
C ALA A 74 -5.57 -27.96 -8.83
N ASN A 75 -6.80 -27.58 -8.53
CA ASN A 75 -7.86 -28.52 -8.22
C ASN A 75 -9.16 -28.10 -8.85
N GLU A 76 -9.12 -27.19 -9.80
CA GLU A 76 -10.38 -26.65 -10.35
C GLU A 76 -11.15 -27.73 -11.12
N LYS A 77 -10.43 -28.67 -11.74
CA LYS A 77 -11.07 -29.87 -12.35
C LYS A 77 -11.79 -30.71 -11.27
N LEU A 78 -11.11 -30.94 -10.17
CA LEU A 78 -11.66 -31.74 -9.06
C LEU A 78 -12.92 -31.07 -8.47
N VAL A 79 -12.82 -29.77 -8.21
CA VAL A 79 -13.97 -29.01 -7.80
C VAL A 79 -15.10 -29.11 -8.78
N GLY A 80 -14.82 -28.97 -10.06
CA GLY A 80 -15.84 -29.03 -11.11
C GLY A 80 -16.57 -30.39 -11.18
N ALA A 81 -15.87 -31.49 -10.86
CA ALA A 81 -16.54 -32.84 -10.84
C ALA A 81 -17.47 -32.98 -9.62
N GLY A 82 -17.02 -32.59 -8.43
CA GLY A 82 -17.90 -32.44 -7.27
C GLY A 82 -19.21 -31.71 -7.57
N VAL A 83 -19.10 -30.53 -8.18
CA VAL A 83 -20.28 -29.74 -8.55
C VAL A 83 -21.13 -30.41 -9.65
N LYS A 84 -20.47 -31.03 -10.64
CA LYS A 84 -21.13 -31.84 -11.70
C LYS A 84 -22.09 -32.89 -11.07
N LYS A 85 -21.54 -33.68 -10.17
CA LYS A 85 -22.28 -34.73 -9.50
C LYS A 85 -23.49 -34.15 -8.74
N ALA A 86 -23.28 -33.12 -7.93
CA ALA A 86 -24.37 -32.56 -7.14
C ALA A 86 -25.47 -31.93 -8.00
N ILE A 87 -25.09 -31.39 -9.15
CA ILE A 87 -26.09 -30.84 -10.08
C ILE A 87 -26.89 -31.99 -10.76
N ASP A 88 -26.19 -33.01 -11.27
CA ASP A 88 -26.80 -34.17 -11.95
C ASP A 88 -27.79 -34.94 -11.05
N GLU A 89 -27.39 -35.18 -9.79
CA GLU A 89 -28.25 -35.75 -8.72
C GLU A 89 -29.33 -34.83 -8.10
N GLY A 90 -29.53 -33.63 -8.65
CA GLY A 90 -30.65 -32.80 -8.26
C GLY A 90 -30.54 -32.07 -6.94
N ILE A 91 -29.39 -32.15 -6.24
CA ILE A 91 -29.24 -31.55 -4.88
C ILE A 91 -29.19 -30.05 -4.96
N VAL A 92 -28.70 -29.54 -6.09
CA VAL A 92 -28.55 -28.12 -6.28
C VAL A 92 -28.69 -27.75 -7.76
N LYS A 93 -29.08 -26.53 -8.02
CA LYS A 93 -29.03 -25.97 -9.37
C LYS A 93 -27.75 -25.10 -9.58
N ARG A 94 -27.34 -24.87 -10.81
CA ARG A 94 -26.17 -23.96 -11.06
C ARG A 94 -26.37 -22.59 -10.40
N GLU A 95 -27.54 -22.00 -10.63
CA GLU A 95 -27.90 -20.70 -10.09
C GLU A 95 -27.90 -20.58 -8.55
N ASP A 96 -27.88 -21.69 -7.82
CA ASP A 96 -27.86 -21.66 -6.37
C ASP A 96 -26.44 -21.67 -5.83
N LEU A 97 -25.47 -21.97 -6.69
CA LEU A 97 -24.07 -22.04 -6.27
C LEU A 97 -23.38 -20.72 -6.59
N PHE A 98 -22.37 -20.40 -5.80
CA PHE A 98 -21.57 -19.19 -5.99
C PHE A 98 -20.14 -19.68 -6.14
N LEU A 99 -19.69 -19.70 -7.38
CA LEU A 99 -18.34 -20.17 -7.64
C LEU A 99 -17.34 -18.98 -7.81
N THR A 100 -16.37 -18.93 -6.92
CA THR A 100 -15.27 -17.98 -7.03
C THR A 100 -14.01 -18.62 -7.58
N SER A 101 -13.35 -17.90 -8.47
CA SER A 101 -11.99 -18.24 -8.81
C SER A 101 -11.13 -16.97 -8.90
N LYS A 102 -9.84 -17.16 -9.16
CA LYS A 102 -8.87 -16.08 -9.05
C LYS A 102 -7.88 -16.22 -10.21
N LEU A 103 -7.65 -15.09 -10.89
CA LEU A 103 -6.65 -14.99 -11.94
C LEU A 103 -5.24 -15.05 -11.39
N TRP A 104 -4.43 -16.03 -11.81
CA TRP A 104 -3.09 -16.16 -11.29
C TRP A 104 -2.13 -15.08 -11.89
N ASN A 105 -1.00 -14.89 -11.26
CA ASN A 105 -0.06 -13.79 -11.49
C ASN A 105 0.60 -13.78 -12.89
N ASN A 106 0.61 -14.94 -13.59
CA ASN A 106 1.19 -14.97 -14.96
C ASN A 106 0.24 -14.47 -15.95
N TYR A 107 -0.99 -14.23 -15.57
CA TYR A 107 -2.00 -13.99 -16.53
C TYR A 107 -2.63 -12.58 -16.61
N HIS A 108 -1.89 -11.53 -16.24
CA HIS A 108 -2.51 -10.17 -16.15
C HIS A 108 -2.63 -9.46 -17.47
N HIS A 109 -1.77 -9.85 -18.43
CA HIS A 109 -1.79 -9.16 -19.73
C HIS A 109 -3.16 -9.34 -20.34
N PRO A 110 -3.74 -8.29 -20.94
CA PRO A 110 -5.07 -8.37 -21.46
C PRO A 110 -5.34 -9.43 -22.57
N ASP A 111 -4.35 -9.75 -23.38
CA ASP A 111 -4.36 -10.92 -24.29
C ASP A 111 -4.41 -12.31 -23.60
N ASN A 112 -4.06 -12.41 -22.33
CA ASN A 112 -3.97 -13.66 -21.59
C ASN A 112 -5.05 -13.81 -20.48
N VAL A 113 -5.79 -12.74 -20.17
CA VAL A 113 -6.78 -12.85 -19.12
C VAL A 113 -7.83 -13.91 -19.51
N GLU A 114 -8.33 -13.79 -20.72
CA GLU A 114 -9.36 -14.67 -21.21
C GLU A 114 -8.90 -16.13 -21.33
N LYS A 115 -7.63 -16.36 -21.68
CA LYS A 115 -7.07 -17.74 -21.74
C LYS A 115 -7.14 -18.40 -20.40
N ALA A 116 -6.79 -17.67 -19.35
CA ALA A 116 -6.84 -18.25 -18.03
C ALA A 116 -8.30 -18.47 -17.54
N LEU A 117 -9.17 -17.48 -17.75
CA LEU A 117 -10.57 -17.62 -17.42
C LEU A 117 -11.19 -18.78 -18.20
N ASN A 118 -10.88 -18.92 -19.49
CA ASN A 118 -11.48 -20.05 -20.28
C ASN A 118 -11.05 -21.39 -19.72
N ARG A 119 -9.82 -21.50 -19.26
CA ARG A 119 -9.37 -22.73 -18.64
C ARG A 119 -10.12 -23.02 -17.31
N THR A 120 -10.36 -21.98 -16.52
CA THR A 120 -11.13 -22.12 -15.28
C THR A 120 -12.58 -22.54 -15.59
N LEU A 121 -13.22 -21.94 -16.58
CA LEU A 121 -14.59 -22.28 -16.96
C LEU A 121 -14.71 -23.74 -17.43
N SER A 122 -13.70 -24.20 -18.16
CA SER A 122 -13.66 -25.57 -18.70
C SER A 122 -13.38 -26.59 -17.58
N ASP A 123 -12.43 -26.32 -16.68
CA ASP A 123 -12.14 -27.20 -15.56
C ASP A 123 -13.36 -27.32 -14.62
N LEU A 124 -14.03 -26.20 -14.36
CA LEU A 124 -15.18 -26.16 -13.50
C LEU A 124 -16.45 -26.70 -14.19
N GLN A 125 -16.38 -26.85 -15.51
CA GLN A 125 -17.47 -27.19 -16.39
C GLN A 125 -18.67 -26.27 -16.29
N VAL A 126 -18.43 -24.94 -16.26
CA VAL A 126 -19.52 -23.97 -16.20
C VAL A 126 -19.36 -22.90 -17.29
N ASP A 127 -20.43 -22.14 -17.54
CA ASP A 127 -20.44 -21.10 -18.55
C ASP A 127 -19.97 -19.73 -18.04
N TYR A 128 -20.15 -19.50 -16.75
CA TYR A 128 -19.72 -18.26 -16.08
C TYR A 128 -19.25 -18.64 -14.68
N VAL A 129 -18.50 -17.75 -14.08
CA VAL A 129 -18.07 -17.86 -12.70
C VAL A 129 -18.77 -16.69 -12.01
N ASP A 130 -19.13 -16.87 -10.75
CA ASP A 130 -19.83 -15.86 -10.04
C ASP A 130 -18.93 -14.69 -9.61
N LEU A 131 -17.70 -14.97 -9.21
CA LEU A 131 -16.74 -13.96 -8.78
C LEU A 131 -15.39 -14.32 -9.31
N PHE A 132 -14.73 -13.37 -10.01
CA PHE A 132 -13.41 -13.58 -10.48
C PHE A 132 -12.51 -12.49 -9.86
N LEU A 133 -11.54 -12.92 -9.04
CA LEU A 133 -10.63 -12.05 -8.36
C LEU A 133 -9.24 -11.95 -9.00
N ILE A 134 -8.65 -10.73 -9.03
CA ILE A 134 -7.19 -10.70 -9.25
C ILE A 134 -6.55 -11.30 -8.01
N HIS A 135 -5.78 -12.37 -8.16
CA HIS A 135 -5.27 -13.06 -6.95
C HIS A 135 -4.28 -12.26 -6.20
N PHE A 136 -3.36 -11.61 -6.93
CA PHE A 136 -2.34 -10.79 -6.28
C PHE A 136 -2.01 -9.60 -7.23
N PRO A 137 -1.66 -8.41 -6.69
CA PRO A 137 -1.19 -7.30 -7.52
C PRO A 137 0.33 -7.49 -7.88
N VAL A 138 0.57 -8.62 -8.54
CA VAL A 138 1.90 -9.11 -8.87
C VAL A 138 1.84 -9.61 -10.30
N THR A 139 2.78 -9.21 -11.17
CA THR A 139 2.72 -9.53 -12.58
C THR A 139 3.87 -10.41 -13.06
N PHE A 140 3.74 -11.73 -12.89
CA PHE A 140 4.69 -12.70 -13.44
C PHE A 140 4.70 -12.72 -14.96
N LYS A 141 5.87 -13.00 -15.55
CA LYS A 141 5.92 -13.17 -17.00
C LYS A 141 4.96 -14.28 -17.46
N PHE A 142 4.19 -14.05 -18.53
CA PHE A 142 3.28 -15.03 -19.06
C PHE A 142 4.03 -16.33 -19.41
N VAL A 143 3.38 -17.45 -19.15
CA VAL A 143 3.85 -18.79 -19.49
C VAL A 143 2.70 -19.44 -20.17
N PRO A 144 2.89 -19.96 -21.40
CA PRO A 144 1.72 -20.60 -22.05
C PRO A 144 1.15 -21.77 -21.25
N LEU A 145 -0.16 -21.92 -21.33
CA LEU A 145 -0.89 -22.93 -20.52
C LEU A 145 -0.52 -24.36 -20.90
N GLU A 146 -0.20 -24.61 -22.18
CA GLU A 146 0.27 -25.96 -22.62
C GLU A 146 1.63 -26.22 -22.07
N GLU A 147 2.40 -25.18 -21.72
CA GLU A 147 3.77 -25.40 -21.28
C GLU A 147 3.83 -25.82 -19.82
N LYS A 148 3.14 -25.08 -18.98
CA LYS A 148 3.03 -25.44 -17.58
C LYS A 148 1.80 -24.81 -17.00
N TYR A 149 0.93 -25.66 -16.42
CA TYR A 149 -0.33 -25.28 -15.85
C TYR A 149 -0.68 -26.18 -14.67
N PRO A 150 -1.01 -25.61 -13.51
CA PRO A 150 -0.84 -24.16 -13.21
C PRO A 150 0.64 -23.83 -12.94
N PRO A 151 1.10 -22.56 -13.20
CA PRO A 151 2.55 -22.29 -13.18
C PRO A 151 3.22 -22.17 -11.81
N GLY A 152 2.46 -21.80 -10.79
CA GLY A 152 3.07 -21.46 -9.52
C GLY A 152 4.00 -20.27 -9.71
N PHE A 153 5.18 -20.42 -9.12
CA PHE A 153 6.25 -19.44 -9.23
C PHE A 153 7.09 -19.45 -10.49
N TYR A 154 6.74 -20.33 -11.44
CA TYR A 154 7.52 -20.44 -12.67
C TYR A 154 7.14 -19.30 -13.60
N CYS A 155 8.16 -18.58 -14.04
CA CYS A 155 7.99 -17.40 -14.89
C CYS A 155 8.71 -17.52 -16.21
N GLY A 156 9.01 -18.73 -16.63
CA GLY A 156 9.49 -18.94 -17.99
C GLY A 156 10.99 -18.72 -18.03
N LYS A 157 11.66 -18.79 -16.91
CA LYS A 157 13.08 -18.43 -16.85
C LYS A 157 13.75 -19.24 -15.77
N GLY A 158 13.71 -20.55 -15.89
CA GLY A 158 14.38 -21.41 -14.93
C GLY A 158 13.68 -21.42 -13.60
N ASP A 159 14.45 -21.46 -12.52
CA ASP A 159 13.94 -21.22 -11.17
C ASP A 159 13.89 -19.72 -10.78
N ASN A 160 13.96 -18.82 -11.76
CA ASN A 160 14.05 -17.39 -11.50
C ASN A 160 12.69 -16.73 -11.67
N PHE A 161 12.42 -15.77 -10.79
CA PHE A 161 11.25 -14.91 -11.00
C PHE A 161 11.49 -13.99 -12.17
N ASP A 162 10.49 -13.75 -13.00
CA ASP A 162 10.56 -12.77 -14.02
C ASP A 162 9.20 -12.13 -14.09
N TYR A 163 9.19 -10.84 -14.37
CA TYR A 163 7.97 -10.00 -14.28
C TYR A 163 7.70 -9.27 -15.55
N GLU A 164 6.44 -8.94 -15.82
CA GLU A 164 6.06 -8.13 -16.94
C GLU A 164 5.32 -6.83 -16.52
N ASP A 165 5.40 -5.85 -17.40
CA ASP A 165 4.90 -4.46 -17.12
C ASP A 165 3.49 -4.29 -17.56
N VAL A 166 2.54 -4.82 -16.78
CA VAL A 166 1.09 -4.70 -17.09
C VAL A 166 0.47 -4.01 -15.87
N PRO A 167 0.17 -2.74 -15.99
CA PRO A 167 -0.53 -2.08 -14.86
C PRO A 167 -1.86 -2.80 -14.48
N ILE A 168 -2.20 -2.76 -13.20
CA ILE A 168 -3.46 -3.32 -12.73
C ILE A 168 -4.65 -2.89 -13.54
N LEU A 169 -4.74 -1.63 -13.92
CA LEU A 169 -5.93 -1.12 -14.59
C LEU A 169 -6.09 -1.80 -15.98
N GLU A 170 -4.99 -2.11 -16.67
CA GLU A 170 -5.09 -2.90 -17.92
C GLU A 170 -5.79 -4.31 -17.65
N THR A 171 -5.33 -5.00 -16.62
CA THR A 171 -5.94 -6.24 -16.23
C THR A 171 -7.45 -6.04 -15.93
N TRP A 172 -7.75 -4.99 -15.17
CA TRP A 172 -9.10 -4.72 -14.78
C TRP A 172 -10.03 -4.49 -15.96
N LYS A 173 -9.58 -3.71 -16.95
CA LYS A 173 -10.35 -3.45 -18.15
C LYS A 173 -10.63 -4.70 -18.96
N ALA A 174 -9.66 -5.59 -19.03
CA ALA A 174 -9.86 -6.93 -19.61
C ALA A 174 -10.93 -7.70 -18.83
N LEU A 175 -10.91 -7.61 -17.50
CA LEU A 175 -11.95 -8.25 -16.68
C LEU A 175 -13.29 -7.66 -16.97
N GLU A 176 -13.34 -6.36 -17.16
CA GLU A 176 -14.62 -5.69 -17.41
C GLU A 176 -15.27 -6.16 -18.74
N LYS A 177 -14.47 -6.44 -19.78
CA LYS A 177 -14.94 -6.96 -21.05
C LYS A 177 -15.50 -8.37 -20.80
N LEU A 178 -14.84 -9.16 -19.97
CA LEU A 178 -15.34 -10.50 -19.62
C LEU A 178 -16.62 -10.53 -18.78
N VAL A 179 -16.93 -9.46 -18.06
CA VAL A 179 -18.23 -9.33 -17.44
C VAL A 179 -19.23 -9.02 -18.55
N LYS A 180 -18.96 -8.02 -19.35
CA LYS A 180 -19.84 -7.66 -20.45
C LYS A 180 -20.21 -8.87 -21.37
N ALA A 181 -19.26 -9.76 -21.60
CA ALA A 181 -19.48 -10.97 -22.36
C ALA A 181 -20.16 -12.10 -21.59
N GLY A 182 -20.52 -11.90 -20.33
CA GLY A 182 -21.30 -12.86 -19.59
C GLY A 182 -20.55 -14.04 -19.02
N LYS A 183 -19.22 -13.99 -19.07
CA LYS A 183 -18.44 -15.06 -18.54
C LYS A 183 -18.16 -14.94 -17.05
N ILE A 184 -18.35 -13.76 -16.48
CA ILE A 184 -18.11 -13.50 -15.06
C ILE A 184 -19.26 -12.62 -14.61
N ARG A 185 -19.80 -12.86 -13.41
CA ARG A 185 -20.82 -11.96 -12.92
C ARG A 185 -20.24 -10.76 -12.20
N SER A 186 -19.34 -11.01 -11.24
CA SER A 186 -18.77 -9.96 -10.37
C SER A 186 -17.30 -10.10 -10.38
N ILE A 187 -16.60 -8.96 -10.25
CA ILE A 187 -15.14 -8.96 -10.25
C ILE A 187 -14.60 -8.29 -9.00
N GLY A 188 -13.45 -8.72 -8.55
CA GLY A 188 -12.85 -8.19 -7.34
C GLY A 188 -11.36 -8.38 -7.32
N VAL A 189 -10.79 -8.08 -6.20
CA VAL A 189 -9.41 -8.21 -6.02
C VAL A 189 -9.09 -8.90 -4.71
N SER A 190 -7.95 -9.57 -4.69
CA SER A 190 -7.39 -10.19 -3.50
C SER A 190 -6.00 -9.57 -3.20
N ASN A 191 -5.65 -9.43 -1.92
CA ASN A 191 -4.34 -9.02 -1.46
C ASN A 191 -3.87 -7.62 -1.97
N PHE A 192 -4.81 -6.70 -2.00
CA PHE A 192 -4.58 -5.31 -2.36
C PHE A 192 -4.50 -4.51 -1.08
N PRO A 193 -3.43 -3.73 -0.93
CA PRO A 193 -3.48 -2.73 0.13
C PRO A 193 -4.38 -1.56 -0.17
N GLY A 194 -4.57 -0.72 0.83
CA GLY A 194 -5.50 0.37 0.69
C GLY A 194 -5.24 1.37 -0.45
N ALA A 195 -4.00 1.83 -0.56
CA ALA A 195 -3.64 2.83 -1.58
C ALA A 195 -3.89 2.30 -3.01
N LEU A 196 -3.63 0.99 -3.18
CA LEU A 196 -3.76 0.34 -4.47
C LEU A 196 -5.21 0.18 -4.84
N LEU A 197 -6.05 -0.22 -3.89
CA LEU A 197 -7.46 -0.27 -4.11
C LEU A 197 -8.09 1.09 -4.46
N LEU A 198 -7.66 2.12 -3.75
CA LEU A 198 -8.11 3.44 -3.92
C LEU A 198 -7.78 3.92 -5.36
N ASP A 199 -6.58 3.61 -5.82
CA ASP A 199 -6.19 3.96 -7.19
C ASP A 199 -6.98 3.16 -8.24
N LEU A 200 -7.22 1.89 -7.97
CA LEU A 200 -8.04 1.12 -8.86
C LEU A 200 -9.45 1.73 -8.99
N LEU A 201 -10.02 2.21 -7.88
CA LEU A 201 -11.37 2.81 -7.90
C LEU A 201 -11.43 4.01 -8.78
N ARG A 202 -10.32 4.71 -8.96
CA ARG A 202 -10.31 5.88 -9.81
C ARG A 202 -10.40 5.51 -11.29
N GLY A 203 -9.85 4.36 -11.69
CA GLY A 203 -9.92 3.92 -13.08
C GLY A 203 -11.03 2.98 -13.45
N ALA A 204 -11.69 2.36 -12.47
CA ALA A 204 -12.67 1.29 -12.74
C ALA A 204 -14.02 1.83 -13.29
N THR A 205 -14.60 1.16 -14.29
CA THR A 205 -15.98 1.46 -14.72
C THR A 205 -16.93 0.57 -13.93
N ILE A 206 -16.59 -0.71 -13.81
CA ILE A 206 -17.34 -1.62 -12.92
C ILE A 206 -16.51 -1.60 -11.71
N LYS A 207 -17.07 -1.22 -10.59
CA LYS A 207 -16.28 -1.16 -9.36
C LYS A 207 -16.05 -2.54 -8.76
N PRO A 208 -14.89 -2.73 -8.11
CA PRO A 208 -14.61 -3.98 -7.46
C PRO A 208 -15.72 -4.29 -6.48
N SER A 209 -16.16 -5.54 -6.52
CA SER A 209 -17.27 -6.03 -5.67
C SER A 209 -16.80 -6.52 -4.36
N VAL A 210 -15.59 -7.08 -4.35
CA VAL A 210 -15.04 -7.78 -3.21
C VAL A 210 -13.56 -7.49 -3.06
N LEU A 211 -13.10 -7.44 -1.81
CA LEU A 211 -11.72 -7.38 -1.40
C LEU A 211 -11.50 -8.59 -0.52
N GLN A 212 -10.63 -9.49 -0.95
CA GLN A 212 -10.33 -10.69 -0.18
C GLN A 212 -8.92 -10.58 0.41
N VAL A 213 -8.81 -10.56 1.74
CA VAL A 213 -7.57 -10.36 2.39
C VAL A 213 -7.35 -11.27 3.57
N GLU A 214 -6.10 -11.48 3.93
CA GLU A 214 -5.75 -12.20 5.16
C GLU A 214 -6.31 -11.45 6.35
N HIS A 215 -7.06 -12.15 7.24
CA HIS A 215 -7.76 -11.43 8.33
C HIS A 215 -8.05 -12.40 9.48
N HIS A 216 -7.33 -12.19 10.59
CA HIS A 216 -7.46 -12.97 11.82
C HIS A 216 -7.04 -12.06 12.95
N PRO A 217 -7.19 -12.47 14.18
CA PRO A 217 -6.85 -11.55 15.24
C PRO A 217 -5.43 -11.12 15.39
N TYR A 218 -4.47 -11.85 14.85
CA TYR A 218 -3.13 -11.36 14.86
C TYR A 218 -2.82 -10.32 13.71
N LEU A 219 -3.69 -10.20 12.71
CA LEU A 219 -3.51 -9.18 11.58
C LEU A 219 -4.88 -8.59 11.30
N GLN A 220 -5.26 -7.57 12.06
CA GLN A 220 -6.62 -7.07 12.04
C GLN A 220 -6.89 -5.99 11.01
N GLN A 221 -5.88 -5.23 10.66
CA GLN A 221 -6.02 -4.18 9.60
C GLN A 221 -7.33 -3.44 9.65
N PRO A 222 -7.68 -2.83 10.81
CA PRO A 222 -9.03 -2.26 10.99
C PRO A 222 -9.33 -1.12 10.05
N ARG A 223 -8.33 -0.32 9.72
CA ARG A 223 -8.57 0.77 8.81
C ARG A 223 -8.80 0.29 7.41
N LEU A 224 -8.09 -0.74 6.98
CA LEU A 224 -8.37 -1.30 5.65
C LEU A 224 -9.82 -1.81 5.49
N ILE A 225 -10.30 -2.52 6.49
CA ILE A 225 -11.67 -3.03 6.47
C ILE A 225 -12.67 -1.90 6.49
N GLU A 226 -12.40 -0.91 7.32
CA GLU A 226 -13.26 0.29 7.43
C GLU A 226 -13.35 1.00 6.09
N PHE A 227 -12.19 1.23 5.45
CA PHE A 227 -12.21 1.77 4.07
C PHE A 227 -13.06 0.97 3.09
N ALA A 228 -12.85 -0.32 2.99
CA ALA A 228 -13.51 -1.08 1.95
C ALA A 228 -15.03 -1.14 2.15
N GLN A 229 -15.42 -1.39 3.39
CA GLN A 229 -16.85 -1.40 3.72
C GLN A 229 -17.53 -0.03 3.49
N SER A 230 -16.86 1.07 3.79
CA SER A 230 -17.45 2.38 3.56
C SER A 230 -17.61 2.67 2.07
N ARG A 231 -16.92 1.93 1.19
CA ARG A 231 -17.13 2.07 -0.22
C ARG A 231 -18.11 1.07 -0.82
N GLY A 232 -18.73 0.26 0.04
CA GLY A 232 -19.67 -0.80 -0.42
C GLY A 232 -19.04 -2.07 -1.00
N ILE A 233 -17.76 -2.32 -0.65
CA ILE A 233 -17.01 -3.47 -1.16
C ILE A 233 -17.08 -4.43 -0.01
N ALA A 234 -17.63 -5.59 -0.25
CA ALA A 234 -17.65 -6.69 0.69
C ALA A 234 -16.25 -7.18 0.91
N VAL A 235 -15.91 -7.46 2.17
CA VAL A 235 -14.64 -7.99 2.52
C VAL A 235 -14.80 -9.50 2.75
N THR A 236 -13.96 -10.33 2.08
CA THR A 236 -13.80 -11.76 2.44
C THR A 236 -12.49 -11.95 3.21
N ALA A 237 -12.58 -12.51 4.42
CA ALA A 237 -11.46 -12.88 5.17
C ALA A 237 -10.94 -14.18 4.75
N TYR A 238 -9.60 -14.30 4.66
CA TYR A 238 -8.99 -15.64 4.58
C TYR A 238 -8.05 -15.88 5.70
N SER A 239 -7.71 -17.14 5.91
CA SER A 239 -6.89 -17.62 7.05
C SER A 239 -7.48 -17.15 8.39
N SER A 240 -8.79 -17.33 8.57
CA SER A 240 -9.46 -16.89 9.81
C SER A 240 -8.85 -17.56 11.01
N PHE A 241 -8.26 -18.75 10.83
CA PHE A 241 -7.55 -19.42 11.95
C PHE A 241 -6.07 -19.08 12.08
N GLY A 242 -5.60 -18.09 11.29
CA GLY A 242 -4.28 -17.52 11.44
C GLY A 242 -3.15 -18.42 10.95
N PRO A 243 -2.17 -18.73 11.82
CA PRO A 243 -1.08 -19.62 11.39
C PRO A 243 -1.44 -21.06 11.00
N GLN A 244 -2.64 -21.53 11.33
CA GLN A 244 -2.94 -22.95 11.29
C GLN A 244 -2.81 -23.48 9.88
N SER A 245 -3.41 -22.80 8.91
CA SER A 245 -3.28 -23.13 7.48
C SER A 245 -1.85 -23.25 6.97
N PHE A 246 -0.92 -22.52 7.57
CA PHE A 246 0.50 -22.47 7.12
C PHE A 246 1.40 -23.49 7.85
N VAL A 247 0.91 -24.05 8.96
CA VAL A 247 1.58 -25.12 9.68
C VAL A 247 1.70 -26.38 8.77
N GLU A 248 0.63 -26.72 8.05
CA GLU A 248 0.63 -27.75 6.95
C GLU A 248 1.83 -27.67 5.97
N LEU A 249 2.25 -26.45 5.60
CA LEU A 249 3.35 -26.22 4.66
C LEU A 249 4.71 -26.07 5.33
N ASN A 250 4.79 -26.31 6.63
CA ASN A 250 6.03 -26.14 7.38
C ASN A 250 6.62 -24.75 7.33
N GLN A 251 5.76 -23.72 7.26
CA GLN A 251 6.30 -22.36 7.26
C GLN A 251 6.86 -22.02 8.65
N GLY A 252 8.08 -21.52 8.68
CA GLY A 252 8.78 -21.19 9.91
C GLY A 252 7.98 -20.30 10.80
N ARG A 253 7.47 -19.19 10.25
CA ARG A 253 6.69 -18.17 10.98
C ARG A 253 5.40 -18.74 11.66
N ALA A 254 4.70 -19.59 10.92
CA ALA A 254 3.48 -20.24 11.37
C ALA A 254 3.72 -21.26 12.53
N LEU A 255 4.60 -22.24 12.30
CA LEU A 255 5.28 -22.93 13.43
C LEU A 255 5.89 -21.74 14.14
N ASN A 256 6.18 -21.74 15.41
CA ASN A 256 6.65 -20.46 16.07
C ASN A 256 5.56 -19.45 16.42
N THR A 257 4.36 -19.56 15.89
CA THR A 257 3.24 -18.73 16.39
C THR A 257 2.29 -19.57 17.29
N SER A 258 2.02 -19.06 18.50
CA SER A 258 0.96 -19.65 19.36
C SER A 258 -0.38 -19.76 18.61
N PRO A 259 -0.98 -20.97 18.51
CA PRO A 259 -2.28 -21.08 17.86
C PRO A 259 -3.36 -20.18 18.49
N LEU A 260 -4.20 -19.63 17.60
CA LEU A 260 -5.30 -18.78 18.07
C LEU A 260 -6.26 -19.58 18.97
N PHE A 261 -6.50 -20.82 18.57
CA PHE A 261 -7.26 -21.80 19.36
C PHE A 261 -6.85 -21.97 20.82
N GLU A 262 -5.56 -21.81 21.13
CA GLU A 262 -5.07 -21.87 22.51
C GLU A 262 -4.88 -20.53 23.18
N ASN A 263 -5.30 -19.46 22.54
CA ASN A 263 -5.04 -18.14 23.07
C ASN A 263 -5.95 -17.89 24.29
N GLU A 264 -5.41 -17.32 25.37
CA GLU A 264 -6.17 -17.13 26.61
C GLU A 264 -7.38 -16.27 26.41
N THR A 265 -7.33 -15.26 25.55
CA THR A 265 -8.49 -14.44 25.34
C THR A 265 -9.59 -15.15 24.57
N ILE A 266 -9.15 -15.90 23.56
CA ILE A 266 -10.08 -16.62 22.72
C ILE A 266 -10.76 -17.70 23.57
N LYS A 267 -10.01 -18.33 24.45
CA LYS A 267 -10.63 -19.30 25.36
C LYS A 267 -11.60 -18.73 26.38
N ALA A 268 -11.23 -17.62 27.05
CA ALA A 268 -12.19 -16.90 27.88
C ALA A 268 -13.49 -16.61 27.14
N ILE A 269 -13.38 -16.20 25.88
CA ILE A 269 -14.58 -15.77 25.21
C ILE A 269 -15.45 -16.97 24.81
N ALA A 270 -14.76 -18.00 24.34
CA ALA A 270 -15.40 -19.29 24.04
C ALA A 270 -16.18 -19.79 25.33
N ALA A 271 -15.50 -19.79 26.47
CA ALA A 271 -16.11 -20.33 27.73
C ALA A 271 -17.31 -19.49 28.15
N LYS A 272 -17.15 -18.16 28.10
CA LYS A 272 -18.24 -17.22 28.33
C LYS A 272 -19.53 -17.49 27.51
N HIS A 273 -19.41 -17.80 26.24
CA HIS A 273 -20.58 -18.07 25.39
C HIS A 273 -20.91 -19.56 25.24
N GLY A 274 -20.11 -20.45 25.82
CA GLY A 274 -20.29 -21.87 25.56
C GLY A 274 -20.08 -22.25 24.09
N LYS A 275 -19.04 -21.72 23.46
CA LYS A 275 -18.79 -21.98 22.03
C LYS A 275 -17.41 -22.39 21.90
N SER A 276 -17.04 -22.94 20.75
CA SER A 276 -15.63 -23.40 20.59
C SER A 276 -14.79 -22.18 20.17
N PRO A 277 -13.50 -22.21 20.46
CA PRO A 277 -12.54 -21.26 19.94
C PRO A 277 -12.72 -20.93 18.44
N ALA A 278 -12.97 -21.96 17.65
CA ALA A 278 -13.15 -21.80 16.26
C ALA A 278 -14.39 -21.04 15.93
N GLN A 279 -15.48 -21.30 16.69
CA GLN A 279 -16.67 -20.49 16.51
C GLN A 279 -16.45 -19.01 16.89
N VAL A 280 -15.63 -18.73 17.91
CA VAL A 280 -15.34 -17.36 18.26
C VAL A 280 -14.52 -16.64 17.16
N LEU A 281 -13.52 -17.33 16.64
CA LEU A 281 -12.65 -16.81 15.56
C LEU A 281 -13.41 -16.51 14.28
N LEU A 282 -14.39 -17.35 13.91
CA LEU A 282 -15.18 -17.06 12.74
C LEU A 282 -16.28 -16.02 12.98
N ARG A 283 -16.89 -16.06 14.18
CA ARG A 283 -17.91 -15.09 14.49
C ARG A 283 -17.36 -13.62 14.57
N TRP A 284 -16.14 -13.49 15.05
CA TRP A 284 -15.45 -12.23 15.09
C TRP A 284 -15.48 -11.51 13.68
N SER A 285 -15.38 -12.28 12.60
CA SER A 285 -15.58 -11.71 11.30
C SER A 285 -17.02 -11.66 10.83
N SER A 286 -17.77 -12.77 10.91
CA SER A 286 -19.08 -12.80 10.33
C SER A 286 -19.99 -11.75 10.91
N GLN A 287 -19.82 -11.49 12.22
CA GLN A 287 -20.64 -10.51 12.91
C GLN A 287 -20.31 -9.08 12.54
N ARG A 288 -19.14 -8.84 11.92
CA ARG A 288 -18.82 -7.54 11.37
C ARG A 288 -19.10 -7.46 9.89
N GLY A 289 -19.94 -8.35 9.38
CA GLY A 289 -20.31 -8.36 7.99
C GLY A 289 -19.20 -8.81 7.01
N ILE A 290 -18.14 -9.38 7.53
CA ILE A 290 -17.05 -9.90 6.70
C ILE A 290 -17.32 -11.37 6.33
N ALA A 291 -17.35 -11.69 5.03
CA ALA A 291 -17.55 -13.09 4.53
C ALA A 291 -16.39 -13.93 4.92
N ILE A 292 -16.69 -15.19 5.19
CA ILE A 292 -15.75 -16.20 5.63
C ILE A 292 -15.75 -17.42 4.71
N ILE A 293 -14.61 -18.10 4.67
CA ILE A 293 -14.39 -19.22 3.75
C ILE A 293 -13.48 -20.28 4.37
N PRO A 294 -13.84 -20.77 5.59
CA PRO A 294 -12.91 -21.61 6.32
C PRO A 294 -12.71 -22.92 5.57
N LYS A 295 -11.53 -23.50 5.72
CA LYS A 295 -11.20 -24.80 5.09
C LYS A 295 -11.57 -25.89 6.10
N SER A 296 -12.46 -26.76 5.69
CA SER A 296 -13.28 -27.57 6.59
C SER A 296 -13.01 -28.98 6.08
N ASN A 297 -12.12 -29.69 6.77
CA ASN A 297 -11.58 -30.99 6.30
C ASN A 297 -12.48 -32.20 6.69
N THR A 298 -13.07 -32.17 7.89
CA THR A 298 -13.92 -33.23 8.44
C THR A 298 -15.43 -32.85 8.46
N VAL A 299 -16.32 -33.85 8.61
CA VAL A 299 -17.79 -33.56 8.62
C VAL A 299 -18.25 -32.75 9.81
N PRO A 300 -17.66 -32.98 11.01
CA PRO A 300 -18.05 -32.08 12.12
C PRO A 300 -17.57 -30.65 11.89
N ARG A 301 -16.38 -30.49 11.34
CA ARG A 301 -15.93 -29.11 11.03
C ARG A 301 -16.81 -28.44 10.00
N LEU A 302 -17.19 -29.19 8.98
CA LEU A 302 -18.18 -28.71 8.01
C LEU A 302 -19.45 -28.14 8.67
N LEU A 303 -19.95 -28.85 9.70
CA LEU A 303 -21.16 -28.42 10.42
C LEU A 303 -20.87 -27.27 11.34
N GLU A 304 -19.82 -27.38 12.15
CA GLU A 304 -19.44 -26.31 13.08
C GLU A 304 -19.20 -24.91 12.39
N ASN A 305 -18.46 -24.93 11.27
CA ASN A 305 -18.03 -23.73 10.58
C ASN A 305 -19.17 -23.10 9.81
N LYS A 306 -20.23 -23.86 9.56
CA LYS A 306 -21.34 -23.37 8.76
C LYS A 306 -22.39 -22.70 9.60
N ASP A 307 -22.39 -22.83 10.92
CA ASP A 307 -23.07 -21.77 11.68
C ASP A 307 -22.50 -21.45 13.04
N VAL A 308 -21.68 -20.41 12.94
CA VAL A 308 -21.15 -19.62 14.02
C VAL A 308 -22.07 -18.45 14.28
N ASN A 309 -23.05 -18.22 13.39
CA ASN A 309 -24.07 -17.15 13.56
C ASN A 309 -25.22 -17.55 14.49
N SER A 310 -24.92 -18.46 15.40
CA SER A 310 -25.80 -18.94 16.44
C SER A 310 -25.72 -18.13 17.76
N PHE A 311 -25.08 -16.96 17.75
CA PHE A 311 -24.68 -16.26 18.99
C PHE A 311 -24.05 -14.93 18.65
N ASP A 312 -24.02 -14.03 19.63
CA ASP A 312 -23.44 -12.71 19.49
C ASP A 312 -22.27 -12.50 20.43
N LEU A 313 -21.17 -12.01 19.88
CA LEU A 313 -20.10 -11.46 20.71
C LEU A 313 -20.59 -10.10 21.14
N ASP A 314 -20.14 -9.63 22.28
CA ASP A 314 -20.52 -8.29 22.74
C ASP A 314 -19.29 -7.35 22.67
N GLU A 315 -19.53 -6.10 23.01
CA GLU A 315 -18.56 -5.06 22.80
C GLU A 315 -17.30 -5.37 23.58
N GLN A 316 -17.40 -5.92 24.79
CA GLN A 316 -16.22 -6.27 25.56
C GLN A 316 -15.40 -7.37 24.90
N ASP A 317 -16.11 -8.28 24.20
CA ASP A 317 -15.44 -9.35 23.49
C ASP A 317 -14.55 -8.76 22.34
N PHE A 318 -15.14 -7.95 21.48
CA PHE A 318 -14.39 -7.26 20.41
C PHE A 318 -13.23 -6.48 20.95
N ALA A 319 -13.44 -5.79 22.06
CA ALA A 319 -12.38 -5.01 22.63
C ALA A 319 -11.24 -5.86 23.11
N ASP A 320 -11.52 -7.03 23.69
CA ASP A 320 -10.44 -7.93 24.15
C ASP A 320 -9.72 -8.58 22.99
N ILE A 321 -10.45 -8.97 21.96
CA ILE A 321 -9.82 -9.56 20.76
C ILE A 321 -8.99 -8.50 20.06
N ALA A 322 -9.43 -7.23 20.05
CA ALA A 322 -8.65 -6.14 19.37
C ALA A 322 -7.26 -6.00 19.93
N LYS A 323 -7.04 -6.37 21.19
CA LYS A 323 -5.71 -6.31 21.80
C LYS A 323 -4.72 -7.38 21.33
N LEU A 324 -5.17 -8.36 20.61
CA LEU A 324 -4.28 -9.39 20.08
C LEU A 324 -3.54 -8.95 18.79
N ASP A 325 -3.97 -7.86 18.17
CA ASP A 325 -3.37 -7.43 16.87
C ASP A 325 -1.87 -7.15 17.07
N ILE A 326 -1.02 -7.85 16.32
CA ILE A 326 0.44 -7.72 16.35
C ILE A 326 1.01 -7.51 14.90
N ASN A 327 0.14 -7.25 13.92
CA ASN A 327 0.52 -7.20 12.51
C ASN A 327 1.37 -8.35 12.04
N LEU A 328 0.87 -9.54 12.22
CA LEU A 328 1.62 -10.72 11.90
C LEU A 328 0.94 -11.28 10.68
N ARG A 329 1.69 -11.27 9.58
CA ARG A 329 1.21 -11.59 8.27
C ARG A 329 1.83 -12.90 7.81
N PHE A 330 1.01 -13.89 7.45
CA PHE A 330 1.48 -15.21 7.00
C PHE A 330 1.60 -15.31 5.52
N ASN A 331 0.83 -14.57 4.77
CA ASN A 331 0.81 -14.72 3.35
C ASN A 331 1.40 -13.42 2.77
N ASP A 332 2.73 -13.44 2.64
CA ASP A 332 3.50 -12.22 2.20
C ASP A 332 4.45 -12.46 1.01
N PRO A 333 4.13 -11.90 -0.20
CA PRO A 333 5.06 -11.95 -1.35
C PRO A 333 6.49 -11.40 -1.13
N TRP A 334 6.70 -10.67 -0.04
CA TRP A 334 8.07 -10.35 0.39
C TRP A 334 8.92 -11.64 0.62
N ASP A 335 8.25 -12.71 1.08
CA ASP A 335 8.89 -14.02 1.32
C ASP A 335 9.28 -14.70 0.02
N TRP A 336 8.54 -14.47 -1.08
CA TRP A 336 8.78 -15.13 -2.34
C TRP A 336 10.07 -14.58 -3.02
N ASP A 337 10.17 -13.24 -3.05
CA ASP A 337 11.15 -12.54 -3.89
C ASP A 337 11.30 -11.05 -3.55
N LYS A 338 11.05 -10.67 -2.28
CA LYS A 338 11.08 -9.25 -1.85
C LYS A 338 10.18 -8.36 -2.75
N ILE A 339 8.96 -8.83 -3.00
CA ILE A 339 7.98 -8.11 -3.77
C ILE A 339 7.28 -7.17 -2.76
N PRO A 340 7.30 -5.84 -2.97
CA PRO A 340 6.88 -4.87 -1.94
C PRO A 340 5.37 -4.59 -1.78
N ILE A 341 4.56 -5.63 -1.84
CA ILE A 341 3.07 -5.43 -1.84
C ILE A 341 2.59 -4.85 -0.51
N PHE A 342 3.19 -5.31 0.59
CA PHE A 342 2.74 -4.96 1.93
C PHE A 342 3.75 -4.11 2.70
N VAL A 343 4.57 -3.24 2.04
CA VAL A 343 5.54 -2.38 2.75
C VAL A 343 5.43 -0.82 2.48
N PRO B 27 28.48 16.27 -1.20
CA PRO B 27 28.13 14.96 -1.75
C PRO B 27 26.71 14.92 -2.43
N SER B 28 26.59 14.08 -3.43
CA SER B 28 25.35 14.02 -4.14
C SER B 28 25.03 12.61 -4.56
N ILE B 29 23.79 12.41 -4.97
CA ILE B 29 23.30 11.17 -5.42
C ILE B 29 23.03 11.31 -6.88
N LYS B 30 23.49 10.35 -7.64
CA LYS B 30 23.23 10.30 -9.05
C LYS B 30 21.85 9.69 -9.29
N LEU B 31 20.91 10.44 -9.85
CA LEU B 31 19.56 9.97 -10.17
C LEU B 31 19.57 9.16 -11.45
N ASN B 32 18.65 8.25 -11.55
CA ASN B 32 18.46 7.49 -12.79
C ASN B 32 18.01 8.33 -13.95
N SER B 33 17.67 9.61 -13.76
CA SER B 33 17.45 10.48 -14.90
C SER B 33 18.79 11.02 -15.48
N GLY B 34 19.91 10.77 -14.80
CA GLY B 34 21.23 11.26 -15.20
C GLY B 34 21.73 12.50 -14.45
N TYR B 35 20.88 13.16 -13.65
CA TYR B 35 21.27 14.36 -12.99
C TYR B 35 21.67 14.05 -11.58
N ASP B 36 22.53 14.89 -11.01
CA ASP B 36 23.02 14.76 -9.62
C ASP B 36 22.15 15.52 -8.66
N MET B 37 21.74 14.86 -7.57
CA MET B 37 20.95 15.54 -6.53
C MET B 37 21.80 15.70 -5.27
N PRO B 38 21.95 16.91 -4.76
CA PRO B 38 22.69 17.07 -3.50
C PRO B 38 22.08 16.29 -2.33
N ALA B 39 22.94 15.65 -1.55
CA ALA B 39 22.45 14.73 -0.54
C ALA B 39 21.93 15.48 0.69
N VAL B 40 22.30 16.75 0.88
CA VAL B 40 21.86 17.48 2.04
C VAL B 40 21.23 18.72 1.50
N GLY B 41 19.96 19.00 1.83
CA GLY B 41 19.30 20.19 1.39
C GLY B 41 18.59 20.86 2.50
N PHE B 42 17.83 21.90 2.15
CA PHE B 42 17.13 22.73 3.06
C PHE B 42 15.63 22.62 2.79
N GLY B 43 14.86 22.18 3.79
CA GLY B 43 13.41 22.06 3.64
C GLY B 43 12.74 23.37 3.88
N CYS B 44 11.71 23.66 3.08
CA CYS B 44 11.05 24.94 3.09
C CYS B 44 9.68 24.93 3.81
N TRP B 45 9.30 23.88 4.54
CA TRP B 45 7.99 23.93 5.20
C TRP B 45 8.10 24.63 6.53
N LYS B 46 7.15 25.49 6.82
CA LYS B 46 7.02 26.24 8.08
C LYS B 46 8.26 27.11 8.29
N VAL B 47 8.72 27.77 7.23
CA VAL B 47 9.78 28.76 7.38
C VAL B 47 8.98 30.04 7.69
N ASP B 48 9.39 30.80 8.72
CA ASP B 48 8.68 32.03 9.13
C ASP B 48 8.52 32.91 7.88
N VAL B 49 7.27 33.18 7.50
CA VAL B 49 6.92 33.95 6.30
C VAL B 49 7.65 35.30 6.13
N ASP B 50 8.07 35.92 7.23
CA ASP B 50 8.76 37.22 7.21
C ASP B 50 10.18 37.20 6.80
N THR B 51 10.90 36.28 7.35
CA THR B 51 12.31 36.16 7.04
C THR B 51 12.61 35.08 5.96
N CYS B 52 11.58 34.48 5.35
CA CYS B 52 11.76 33.35 4.40
C CYS B 52 12.77 33.63 3.28
N SER B 53 12.55 34.70 2.52
CA SER B 53 13.47 35.06 1.42
C SER B 53 14.86 35.25 1.91
N GLU B 54 14.98 35.96 3.04
CA GLU B 54 16.29 36.24 3.61
C GLU B 54 16.95 34.95 4.01
N GLN B 55 16.19 34.00 4.59
CA GLN B 55 16.81 32.74 5.05
C GLN B 55 17.23 31.84 3.90
N ILE B 56 16.48 31.88 2.79
CA ILE B 56 16.91 31.11 1.59
C ILE B 56 18.26 31.65 1.07
N TYR B 57 18.29 32.96 0.86
CA TYR B 57 19.54 33.66 0.53
C TYR B 57 20.64 33.30 1.49
N ARG B 58 20.33 33.41 2.78
CA ARG B 58 21.28 33.01 3.84
C ARG B 58 21.71 31.54 3.69
N ALA B 59 20.77 30.62 3.51
CA ALA B 59 21.20 29.22 3.31
C ALA B 59 22.11 29.02 2.06
N ILE B 60 21.80 29.70 0.96
CA ILE B 60 22.65 29.61 -0.23
C ILE B 60 24.02 30.14 0.12
N LYS B 61 24.05 31.29 0.81
CA LYS B 61 25.32 31.88 1.24
C LYS B 61 26.14 30.87 2.07
N THR B 62 25.45 30.13 2.93
CA THR B 62 26.08 29.14 3.73
C THR B 62 26.56 27.92 2.97
N GLY B 63 26.07 27.65 1.76
CA GLY B 63 26.46 26.43 0.99
C GLY B 63 25.35 25.43 0.62
N TYR B 64 24.12 25.69 1.05
CA TYR B 64 23.01 24.84 0.65
C TYR B 64 22.72 25.06 -0.85
N ARG B 65 22.65 23.96 -1.57
CA ARG B 65 22.31 23.99 -2.98
C ARG B 65 20.98 23.30 -3.38
N LEU B 66 20.38 22.46 -2.51
CA LEU B 66 19.03 21.90 -2.77
C LEU B 66 18.04 22.56 -1.85
N PHE B 67 16.92 22.95 -2.42
CA PHE B 67 15.78 23.52 -1.68
C PHE B 67 14.58 22.69 -2.01
N ASP B 68 13.98 22.15 -0.96
CA ASP B 68 12.84 21.26 -1.08
C ASP B 68 11.59 22.03 -0.70
N GLY B 69 10.76 22.34 -1.70
CA GLY B 69 9.57 23.09 -1.49
C GLY B 69 8.36 22.37 -2.04
N ALA B 70 7.25 23.09 -2.10
CA ALA B 70 5.98 22.54 -2.49
C ALA B 70 5.00 23.64 -2.65
N GLU B 71 4.08 23.42 -3.58
CA GLU B 71 2.96 24.29 -3.80
C GLU B 71 2.13 24.47 -2.52
N ASP B 72 1.90 23.39 -1.78
CA ASP B 72 1.19 23.44 -0.45
C ASP B 72 1.89 24.24 0.64
N TYR B 73 3.19 24.47 0.56
CA TYR B 73 3.88 25.26 1.56
C TYR B 73 3.52 26.72 1.57
N ALA B 74 2.84 27.18 0.52
CA ALA B 74 2.32 28.51 0.40
C ALA B 74 3.39 29.63 0.45
N ASN B 75 4.58 29.35 -0.02
CA ASN B 75 5.74 30.24 0.10
C ASN B 75 6.68 30.20 -1.12
N GLU B 76 6.26 29.63 -2.27
CA GLU B 76 7.20 29.49 -3.41
C GLU B 76 7.63 30.90 -3.92
N LYS B 77 6.76 31.92 -3.83
CA LYS B 77 7.19 33.31 -4.21
C LYS B 77 8.34 33.85 -3.35
N LEU B 78 8.31 33.51 -2.08
CA LEU B 78 9.35 33.92 -1.16
C LEU B 78 10.62 33.18 -1.38
N VAL B 79 10.51 31.88 -1.68
CA VAL B 79 11.70 31.08 -1.93
C VAL B 79 12.36 31.59 -3.19
N GLY B 80 11.53 31.86 -4.18
CA GLY B 80 11.98 32.39 -5.46
C GLY B 80 12.69 33.76 -5.38
N ALA B 81 12.17 34.67 -4.53
CA ALA B 81 12.89 35.95 -4.22
C ALA B 81 14.29 35.72 -3.62
N GLY B 82 14.41 34.85 -2.63
CA GLY B 82 15.76 34.52 -2.12
C GLY B 82 16.72 33.94 -3.18
N VAL B 83 16.19 33.00 -3.99
CA VAL B 83 17.00 32.40 -5.04
C VAL B 83 17.37 33.47 -6.08
N LYS B 84 16.43 34.28 -6.49
CA LYS B 84 16.75 35.30 -7.50
C LYS B 84 17.86 36.26 -6.97
N LYS B 85 17.69 36.70 -5.71
CA LYS B 85 18.68 37.53 -5.06
C LYS B 85 20.03 36.87 -5.06
N ALA B 86 20.15 35.60 -4.68
CA ALA B 86 21.45 34.95 -4.69
C ALA B 86 22.03 34.84 -6.10
N ILE B 87 21.22 34.59 -7.11
CA ILE B 87 21.73 34.49 -8.48
C ILE B 87 22.20 35.92 -9.00
N ASP B 88 21.35 36.92 -8.79
CA ASP B 88 21.69 38.32 -9.18
C ASP B 88 23.01 38.73 -8.55
N GLU B 89 23.20 38.43 -7.27
CA GLU B 89 24.45 38.80 -6.58
C GLU B 89 25.63 37.89 -6.82
N GLY B 90 25.48 36.85 -7.63
CA GLY B 90 26.66 36.09 -8.06
C GLY B 90 27.19 35.15 -7.03
N ILE B 91 26.39 34.88 -6.01
CA ILE B 91 26.72 33.86 -4.99
C ILE B 91 26.58 32.42 -5.51
N VAL B 92 25.69 32.18 -6.48
CA VAL B 92 25.56 30.88 -7.07
C VAL B 92 24.98 31.07 -8.47
N LYS B 93 25.08 30.05 -9.27
CA LYS B 93 24.43 30.03 -10.58
C LYS B 93 23.26 29.06 -10.53
N ARG B 94 22.25 29.34 -11.36
CA ARG B 94 21.09 28.53 -11.48
C ARG B 94 21.43 27.05 -11.65
N GLU B 95 22.43 26.74 -12.50
CA GLU B 95 22.76 25.34 -12.75
C GLU B 95 23.35 24.64 -11.53
N ASP B 96 23.78 25.35 -10.50
CA ASP B 96 24.34 24.68 -9.31
C ASP B 96 23.26 24.50 -8.24
N LEU B 97 22.09 25.08 -8.46
CA LEU B 97 21.00 24.90 -7.53
C LEU B 97 20.15 23.66 -8.00
N PHE B 98 19.59 22.95 -7.02
CA PHE B 98 18.61 21.89 -7.23
C PHE B 98 17.32 22.26 -6.54
N LEU B 99 16.34 22.63 -7.31
CA LEU B 99 15.09 23.07 -6.79
C LEU B 99 14.02 21.95 -6.99
N THR B 100 13.44 21.55 -5.87
CA THR B 100 12.36 20.60 -5.81
C THR B 100 11.06 21.29 -5.51
N SER B 101 10.01 20.90 -6.25
CA SER B 101 8.67 21.22 -5.88
C SER B 101 7.76 19.99 -5.95
N LYS B 102 6.52 20.15 -5.52
CA LYS B 102 5.58 19.04 -5.34
C LYS B 102 4.25 19.49 -5.83
N LEU B 103 3.63 18.62 -6.64
CA LEU B 103 2.33 18.81 -7.18
C LEU B 103 1.28 18.51 -6.12
N TRP B 104 0.40 19.48 -5.85
CA TRP B 104 -0.68 19.31 -4.87
C TRP B 104 -1.86 18.46 -5.35
N ASN B 105 -2.66 17.99 -4.41
CA ASN B 105 -3.65 16.91 -4.63
C ASN B 105 -4.81 17.30 -5.54
N ASN B 106 -5.06 18.59 -5.71
CA ASN B 106 -6.12 19.08 -6.59
C ASN B 106 -5.69 19.10 -8.05
N TYR B 107 -4.43 18.88 -8.36
CA TYR B 107 -3.92 19.14 -9.71
C TYR B 107 -3.40 17.92 -10.47
N HIS B 108 -3.99 16.77 -10.19
CA HIS B 108 -3.55 15.49 -10.79
C HIS B 108 -4.12 15.27 -12.19
N HIS B 109 -5.24 15.89 -12.50
CA HIS B 109 -5.81 15.70 -13.81
C HIS B 109 -4.79 16.23 -14.87
N PRO B 110 -4.56 15.48 -15.96
CA PRO B 110 -3.59 15.93 -17.02
C PRO B 110 -3.82 17.35 -17.58
N ASP B 111 -5.06 17.80 -17.74
CA ASP B 111 -5.36 19.19 -18.01
C ASP B 111 -4.82 20.22 -17.03
N ASN B 112 -4.70 19.84 -15.75
CA ASN B 112 -4.36 20.74 -14.67
C ASN B 112 -2.94 20.62 -14.17
N VAL B 113 -2.26 19.53 -14.46
CA VAL B 113 -0.90 19.37 -13.97
C VAL B 113 -0.04 20.57 -14.40
N GLU B 114 -0.12 20.91 -15.69
CA GLU B 114 0.66 22.04 -16.19
C GLU B 114 0.25 23.41 -15.63
N LYS B 115 -1.03 23.58 -15.31
CA LYS B 115 -1.45 24.79 -14.65
C LYS B 115 -0.72 24.99 -13.36
N ALA B 116 -0.60 23.92 -12.56
CA ALA B 116 0.06 24.04 -11.25
C ALA B 116 1.59 24.20 -11.38
N LEU B 117 2.20 23.42 -12.26
CA LEU B 117 3.66 23.55 -12.51
C LEU B 117 4.02 25.00 -12.97
N ASN B 118 3.18 25.57 -13.83
CA ASN B 118 3.47 26.91 -14.37
C ASN B 118 3.43 27.94 -13.29
N ARG B 119 2.45 27.81 -12.39
CA ARG B 119 2.43 28.67 -11.23
C ARG B 119 3.64 28.47 -10.32
N THR B 120 4.02 27.21 -10.07
CA THR B 120 5.27 26.92 -9.39
C THR B 120 6.46 27.65 -10.07
N LEU B 121 6.58 27.56 -11.37
CA LEU B 121 7.79 28.11 -12.03
C LEU B 121 7.80 29.62 -12.01
N SER B 122 6.60 30.19 -12.11
CA SER B 122 6.39 31.61 -12.01
C SER B 122 6.72 32.16 -10.60
N ASP B 123 6.19 31.53 -9.56
CA ASP B 123 6.52 31.88 -8.21
C ASP B 123 8.02 31.78 -7.95
N LEU B 124 8.62 30.69 -8.37
CA LEU B 124 10.02 30.49 -8.14
C LEU B 124 10.87 31.43 -9.05
N GLN B 125 10.29 31.99 -10.11
CA GLN B 125 11.03 32.78 -11.13
C GLN B 125 12.15 31.97 -11.77
N VAL B 126 11.82 30.76 -12.22
CA VAL B 126 12.77 29.87 -12.89
C VAL B 126 12.12 29.33 -14.12
N ASP B 127 12.91 28.74 -14.96
CA ASP B 127 12.46 28.22 -16.22
C ASP B 127 12.17 26.72 -16.11
N TYR B 128 12.83 26.04 -15.16
CA TYR B 128 12.63 24.61 -14.94
C TYR B 128 12.80 24.34 -13.47
N VAL B 129 12.20 23.22 -13.01
CA VAL B 129 12.45 22.65 -11.70
C VAL B 129 13.32 21.40 -11.91
N ASP B 130 14.28 21.22 -11.00
CA ASP B 130 15.14 20.05 -11.00
C ASP B 130 14.39 18.73 -10.71
N LEU B 131 13.37 18.79 -9.84
CA LEU B 131 12.62 17.61 -9.40
C LEU B 131 11.19 18.07 -9.10
N PHE B 132 10.20 17.39 -9.66
CA PHE B 132 8.85 17.65 -9.35
C PHE B 132 8.25 16.29 -8.87
N LEU B 133 7.67 16.30 -7.68
CA LEU B 133 7.07 15.09 -7.07
C LEU B 133 5.58 15.21 -6.99
N ILE B 134 4.89 14.09 -7.14
CA ILE B 134 3.52 13.96 -6.80
C ILE B 134 3.55 13.97 -5.24
N HIS B 135 2.86 14.93 -4.63
CA HIS B 135 3.01 15.16 -3.17
C HIS B 135 2.38 14.01 -2.37
N PHE B 136 1.20 13.58 -2.76
CA PHE B 136 0.47 12.47 -2.21
C PHE B 136 -0.28 11.74 -3.33
N PRO B 137 -0.57 10.43 -3.13
CA PRO B 137 -1.44 9.66 -4.03
C PRO B 137 -2.90 9.84 -3.65
N VAL B 138 -3.31 11.09 -3.68
CA VAL B 138 -4.64 11.54 -3.34
C VAL B 138 -5.12 12.56 -4.37
N THR B 139 -6.37 12.40 -4.80
CA THR B 139 -6.90 13.17 -5.93
C THR B 139 -8.08 14.04 -5.53
N PHE B 140 -7.78 15.24 -5.00
CA PHE B 140 -8.85 16.24 -4.72
C PHE B 140 -9.42 16.82 -6.02
N LYS B 141 -10.71 17.09 -6.01
CA LYS B 141 -11.32 17.85 -7.13
C LYS B 141 -10.56 19.15 -7.37
N PHE B 142 -10.35 19.40 -8.64
CA PHE B 142 -9.67 20.60 -9.09
C PHE B 142 -10.40 21.86 -8.63
N VAL B 143 -9.65 22.84 -8.21
CA VAL B 143 -10.11 24.16 -7.84
C VAL B 143 -9.30 25.16 -8.63
N PRO B 144 -9.98 26.09 -9.34
CA PRO B 144 -9.18 27.04 -10.13
C PRO B 144 -8.23 27.86 -9.34
N LEU B 145 -7.08 28.13 -9.94
CA LEU B 145 -6.00 28.81 -9.25
C LEU B 145 -6.44 30.24 -8.82
N GLU B 146 -7.39 30.82 -9.54
CA GLU B 146 -7.94 32.16 -9.28
C GLU B 146 -8.76 32.15 -8.01
N GLU B 147 -9.46 31.04 -7.77
CA GLU B 147 -10.39 30.98 -6.65
C GLU B 147 -9.64 30.87 -5.36
N LYS B 148 -8.61 30.03 -5.30
CA LYS B 148 -7.86 29.82 -4.07
C LYS B 148 -6.55 29.11 -4.44
N TYR B 149 -5.43 29.68 -4.02
CA TYR B 149 -4.12 29.12 -4.30
C TYR B 149 -3.18 29.46 -3.19
N PRO B 150 -2.56 28.47 -2.55
CA PRO B 150 -2.78 27.04 -2.77
C PRO B 150 -4.08 26.62 -2.01
N PRO B 151 -4.77 25.60 -2.48
CA PRO B 151 -6.10 25.34 -1.94
C PRO B 151 -6.12 24.62 -0.66
N GLY B 152 -4.99 24.01 -0.26
CA GLY B 152 -5.02 23.14 0.89
C GLY B 152 -6.07 22.05 0.83
N PHE B 153 -6.93 21.94 1.86
CA PHE B 153 -8.01 20.98 1.81
C PHE B 153 -9.31 21.39 1.09
N TYR B 154 -9.33 22.54 0.44
CA TYR B 154 -10.53 22.95 -0.27
C TYR B 154 -10.58 22.19 -1.63
N CYS B 155 -11.75 21.68 -1.92
CA CYS B 155 -12.03 20.79 -3.00
C CYS B 155 -13.20 21.32 -3.80
N GLY B 156 -13.55 22.59 -3.61
CA GLY B 156 -14.68 23.18 -4.31
C GLY B 156 -16.03 22.79 -3.81
N LYS B 157 -16.15 22.19 -2.65
CA LYS B 157 -17.45 21.84 -2.15
C LYS B 157 -17.61 22.29 -0.67
N GLY B 158 -17.52 23.58 -0.43
CA GLY B 158 -17.61 24.09 0.94
C GLY B 158 -16.50 23.56 1.82
N ASP B 159 -16.86 23.06 2.99
CA ASP B 159 -15.90 22.51 3.89
C ASP B 159 -15.74 21.01 3.70
N ASN B 160 -16.25 20.40 2.62
CA ASN B 160 -16.23 18.96 2.48
C ASN B 160 -15.09 18.54 1.54
N PHE B 161 -14.51 17.38 1.83
CA PHE B 161 -13.60 16.77 0.86
C PHE B 161 -14.42 16.32 -0.36
N ASP B 162 -13.81 16.40 -1.53
CA ASP B 162 -14.42 15.91 -2.72
C ASP B 162 -13.29 15.49 -3.63
N TYR B 163 -13.45 14.34 -4.27
CA TYR B 163 -12.31 13.66 -4.92
C TYR B 163 -12.56 13.49 -6.38
N GLU B 164 -11.50 13.39 -7.17
CA GLU B 164 -11.67 13.03 -8.58
C GLU B 164 -10.99 11.74 -9.00
N ASP B 165 -11.56 11.16 -10.04
CA ASP B 165 -11.14 9.86 -10.55
C ASP B 165 -10.04 10.00 -11.59
N VAL B 166 -8.82 10.25 -11.15
CA VAL B 166 -7.69 10.37 -12.02
C VAL B 166 -6.66 9.37 -11.55
N PRO B 167 -6.52 8.21 -12.25
CA PRO B 167 -5.44 7.32 -11.84
C PRO B 167 -4.04 7.95 -11.79
N ILE B 168 -3.22 7.44 -10.91
CA ILE B 168 -1.87 7.91 -10.71
C ILE B 168 -1.15 7.92 -12.09
N LEU B 169 -1.33 6.84 -12.87
CA LEU B 169 -0.59 6.71 -14.13
C LEU B 169 -0.96 7.83 -15.11
N GLU B 170 -2.18 8.34 -15.06
CA GLU B 170 -2.56 9.47 -15.93
C GLU B 170 -1.84 10.75 -15.54
N THR B 171 -1.70 10.98 -14.24
CA THR B 171 -0.94 12.06 -13.75
C THR B 171 0.55 11.89 -14.14
N TRP B 172 1.09 10.68 -14.00
CA TRP B 172 2.48 10.48 -14.29
C TRP B 172 2.78 10.75 -15.80
N LYS B 173 1.88 10.33 -16.67
CA LYS B 173 2.03 10.52 -18.10
C LYS B 173 2.06 12.00 -18.42
N ALA B 174 1.24 12.79 -17.74
CA ALA B 174 1.27 14.25 -17.87
C ALA B 174 2.62 14.84 -17.40
N LEU B 175 3.20 14.26 -16.34
CA LEU B 175 4.48 14.67 -15.88
C LEU B 175 5.60 14.30 -16.88
N GLU B 176 5.51 13.15 -17.49
CA GLU B 176 6.46 12.68 -18.49
C GLU B 176 6.43 13.63 -19.70
N LYS B 177 5.27 14.09 -20.11
CA LYS B 177 5.17 15.14 -21.13
C LYS B 177 5.88 16.44 -20.77
N LEU B 178 5.76 16.86 -19.52
CA LEU B 178 6.47 18.04 -19.03
C LEU B 178 7.99 17.85 -18.91
N VAL B 179 8.49 16.67 -18.61
CA VAL B 179 9.92 16.39 -18.71
C VAL B 179 10.39 16.56 -20.18
N LYS B 180 9.67 15.95 -21.11
CA LYS B 180 10.01 16.07 -22.54
C LYS B 180 9.91 17.50 -23.02
N ALA B 181 8.98 18.28 -22.48
CA ALA B 181 8.84 19.69 -22.81
C ALA B 181 9.88 20.68 -22.20
N GLY B 182 10.87 20.18 -21.46
CA GLY B 182 11.87 21.03 -20.83
C GLY B 182 11.53 21.69 -19.49
N LYS B 183 10.35 21.49 -18.92
CA LYS B 183 9.99 22.19 -17.68
C LYS B 183 10.44 21.48 -16.43
N ILE B 184 10.71 20.21 -16.54
CA ILE B 184 11.13 19.48 -15.37
C ILE B 184 12.29 18.62 -15.77
N ARG B 185 13.35 18.56 -14.97
CA ARG B 185 14.40 17.55 -15.23
C ARG B 185 14.11 16.10 -14.75
N SER B 186 13.79 15.94 -13.49
CA SER B 186 13.59 14.61 -12.91
C SER B 186 12.22 14.65 -12.23
N ILE B 187 11.56 13.47 -12.21
CA ILE B 187 10.17 13.35 -11.65
C ILE B 187 10.19 12.22 -10.64
N GLY B 188 9.33 12.35 -9.64
CA GLY B 188 9.25 11.37 -8.57
C GLY B 188 7.97 11.41 -7.80
N VAL B 189 8.02 10.70 -6.68
CA VAL B 189 6.83 10.51 -5.87
C VAL B 189 7.12 10.73 -4.41
N SER B 190 6.13 11.27 -3.69
CA SER B 190 6.21 11.44 -2.28
C SER B 190 5.06 10.64 -1.62
N ASN B 191 5.31 10.07 -0.46
CA ASN B 191 4.24 9.43 0.30
C ASN B 191 3.61 8.24 -0.39
N PHE B 192 4.40 7.49 -1.17
CA PHE B 192 3.86 6.30 -1.90
C PHE B 192 4.29 5.05 -1.16
N PRO B 193 3.34 4.16 -0.89
CA PRO B 193 3.75 2.87 -0.34
C PRO B 193 4.21 1.93 -1.47
N GLY B 194 4.76 0.80 -1.06
CA GLY B 194 5.38 -0.19 -1.92
C GLY B 194 4.54 -0.63 -3.07
N ALA B 195 3.30 -1.02 -2.81
CA ALA B 195 2.50 -1.65 -3.86
C ALA B 195 2.15 -0.68 -4.98
N LEU B 196 1.90 0.56 -4.58
CA LEU B 196 1.57 1.62 -5.50
C LEU B 196 2.79 2.01 -6.33
N LEU B 197 3.95 2.09 -5.74
CA LEU B 197 5.20 2.37 -6.47
C LEU B 197 5.47 1.23 -7.51
N LEU B 198 5.32 -0.03 -7.06
CA LEU B 198 5.44 -1.18 -7.91
C LEU B 198 4.53 -1.07 -9.10
N ASP B 199 3.26 -0.71 -8.92
CA ASP B 199 2.35 -0.56 -10.04
C ASP B 199 2.71 0.56 -11.01
N LEU B 200 3.11 1.68 -10.45
CA LEU B 200 3.59 2.84 -11.24
C LEU B 200 4.81 2.46 -12.11
N LEU B 201 5.75 1.70 -11.56
CA LEU B 201 6.86 1.22 -12.33
C LEU B 201 6.42 0.38 -13.53
N ARG B 202 5.28 -0.28 -13.49
CA ARG B 202 4.81 -1.02 -14.63
C ARG B 202 4.34 -0.14 -15.79
N GLY B 203 3.82 1.06 -15.51
CA GLY B 203 3.32 1.96 -16.55
C GLY B 203 4.31 3.08 -16.93
N ALA B 204 5.37 3.30 -16.19
CA ALA B 204 6.19 4.50 -16.33
C ALA B 204 7.16 4.28 -17.53
N THR B 205 7.16 5.21 -18.46
CA THR B 205 8.18 5.21 -19.50
C THR B 205 9.41 5.87 -18.95
N ILE B 206 9.26 7.05 -18.34
CA ILE B 206 10.31 7.58 -17.54
C ILE B 206 10.12 7.11 -16.07
N LYS B 207 11.13 6.45 -15.55
CA LYS B 207 11.08 5.90 -14.22
C LYS B 207 11.09 6.99 -13.18
N PRO B 208 10.40 6.77 -12.04
CA PRO B 208 10.59 7.63 -10.87
C PRO B 208 12.02 7.67 -10.44
N SER B 209 12.49 8.86 -10.13
CA SER B 209 13.85 9.14 -9.72
C SER B 209 14.02 9.15 -8.28
N VAL B 210 12.98 9.58 -7.58
CA VAL B 210 13.09 9.85 -6.18
C VAL B 210 11.78 9.36 -5.55
N LEU B 211 11.92 8.83 -4.32
CA LEU B 211 10.81 8.50 -3.41
C LEU B 211 11.02 9.27 -2.14
N GLN B 212 10.10 10.15 -1.79
CA GLN B 212 10.24 11.01 -0.63
C GLN B 212 9.22 10.56 0.41
N VAL B 213 9.70 10.11 1.57
CA VAL B 213 8.86 9.49 2.61
C VAL B 213 9.33 9.99 3.98
N GLU B 214 8.37 9.99 4.92
CA GLU B 214 8.70 10.16 6.37
C GLU B 214 9.70 9.05 6.73
N HIS B 215 10.79 9.42 7.40
CA HIS B 215 11.80 8.45 7.74
C HIS B 215 12.60 8.89 8.91
N HIS B 216 12.58 8.13 10.00
CA HIS B 216 13.25 8.54 11.24
C HIS B 216 13.29 7.25 12.05
N PRO B 217 14.02 7.24 13.16
CA PRO B 217 14.13 5.99 13.90
C PRO B 217 12.88 5.31 14.42
N TYR B 218 11.80 6.04 14.65
CA TYR B 218 10.49 5.37 15.01
C TYR B 218 9.67 4.87 13.85
N LEU B 219 10.06 5.24 12.60
CA LEU B 219 9.42 4.73 11.35
C LEU B 219 10.51 4.46 10.31
N GLN B 220 11.09 3.28 10.41
CA GLN B 220 12.27 2.99 9.62
C GLN B 220 11.99 2.40 8.26
N GLN B 221 10.87 1.72 8.10
CA GLN B 221 10.39 1.06 6.89
C GLN B 221 11.50 0.46 6.06
N PRO B 222 12.33 -0.42 6.68
CA PRO B 222 13.55 -0.94 6.05
C PRO B 222 13.23 -1.66 4.74
N ARG B 223 12.06 -2.29 4.62
CA ARG B 223 11.75 -3.04 3.36
C ARG B 223 11.43 -2.11 2.17
N LEU B 224 10.79 -1.00 2.48
CA LEU B 224 10.44 -0.02 1.46
C LEU B 224 11.75 0.66 0.98
N ILE B 225 12.59 1.09 1.89
CA ILE B 225 13.91 1.66 1.52
C ILE B 225 14.69 0.64 0.68
N GLU B 226 14.77 -0.62 1.12
CA GLU B 226 15.50 -1.64 0.39
C GLU B 226 14.91 -1.85 -1.00
N PHE B 227 13.60 -1.93 -1.12
CA PHE B 227 13.03 -2.05 -2.43
C PHE B 227 13.43 -0.83 -3.33
N ALA B 228 13.27 0.39 -2.81
CA ALA B 228 13.50 1.59 -3.61
C ALA B 228 14.98 1.66 -4.09
N GLN B 229 15.92 1.47 -3.17
CA GLN B 229 17.38 1.50 -3.46
C GLN B 229 17.80 0.36 -4.42
N SER B 230 17.22 -0.81 -4.27
CA SER B 230 17.42 -1.93 -5.23
C SER B 230 16.91 -1.62 -6.65
N ARG B 231 15.92 -0.75 -6.83
CA ARG B 231 15.56 -0.36 -8.16
C ARG B 231 16.29 0.92 -8.60
N GLY B 232 17.23 1.41 -7.80
CA GLY B 232 17.99 2.61 -8.16
C GLY B 232 17.18 3.90 -8.08
N ILE B 233 16.17 3.92 -7.22
CA ILE B 233 15.36 5.09 -6.88
C ILE B 233 15.95 5.68 -5.64
N ALA B 234 16.32 6.96 -5.71
CA ALA B 234 16.90 7.68 -4.56
C ALA B 234 15.78 7.93 -3.56
N VAL B 235 16.12 7.80 -2.30
CA VAL B 235 15.21 8.12 -1.20
C VAL B 235 15.62 9.40 -0.47
N THR B 236 14.65 10.28 -0.29
CA THR B 236 14.79 11.44 0.55
C THR B 236 13.89 11.29 1.79
N ALA B 237 14.47 11.48 2.95
CA ALA B 237 13.74 11.44 4.20
C ALA B 237 13.16 12.80 4.56
N TYR B 238 11.96 12.84 5.09
CA TYR B 238 11.52 14.01 5.82
C TYR B 238 11.10 13.58 7.22
N SER B 239 10.83 14.59 8.08
CA SER B 239 10.62 14.43 9.49
C SER B 239 11.77 13.65 10.14
N SER B 240 13.00 14.03 9.85
CA SER B 240 14.17 13.37 10.44
C SER B 240 14.19 13.53 11.96
N PHE B 241 13.59 14.61 12.44
CA PHE B 241 13.48 14.84 13.91
C PHE B 241 12.13 14.54 14.56
N GLY B 242 11.01 14.68 13.85
CA GLY B 242 9.69 14.49 14.43
C GLY B 242 9.32 15.71 15.24
N PRO B 243 8.11 15.76 15.79
CA PRO B 243 7.67 16.90 16.58
C PRO B 243 8.33 16.92 17.96
N GLN B 244 8.44 18.11 18.52
CA GLN B 244 9.08 18.22 19.82
C GLN B 244 8.22 17.68 20.95
N SER B 245 6.90 17.59 20.75
CA SER B 245 6.04 16.97 21.75
C SER B 245 5.12 15.90 21.15
N PHE B 246 4.86 14.81 21.88
CA PHE B 246 3.92 13.77 21.35
C PHE B 246 2.45 13.88 21.77
N VAL B 247 2.10 14.88 22.55
CA VAL B 247 0.87 14.89 23.27
C VAL B 247 -0.34 14.79 22.36
N GLU B 248 -0.25 15.35 21.15
CA GLU B 248 -1.32 15.42 20.17
C GLU B 248 -1.44 14.26 19.16
N LEU B 249 -0.60 13.25 19.26
CA LEU B 249 -0.74 12.08 18.34
C LEU B 249 -2.11 11.37 18.31
N ASN B 250 -2.57 10.98 17.11
CA ASN B 250 -3.69 10.13 16.92
C ASN B 250 -3.15 8.67 17.06
N GLN B 251 -2.51 8.12 16.03
CA GLN B 251 -1.93 6.77 16.14
C GLN B 251 -0.68 6.80 17.03
N GLY B 252 -0.52 5.76 17.82
CA GLY B 252 0.56 5.68 18.78
C GLY B 252 0.36 6.47 20.04
N ARG B 253 -0.86 6.96 20.26
CA ARG B 253 -1.16 7.76 21.48
C ARG B 253 -0.92 6.99 22.75
N ALA B 254 -1.03 5.67 22.72
CA ALA B 254 -0.81 4.85 23.95
C ALA B 254 0.67 4.71 24.39
N LEU B 255 1.63 5.19 23.60
CA LEU B 255 3.02 4.97 23.90
C LEU B 255 3.54 6.11 24.72
N ASN B 256 4.33 5.82 25.72
CA ASN B 256 5.13 6.87 26.37
C ASN B 256 6.52 7.06 25.70
N THR B 257 6.68 6.63 24.45
CA THR B 257 7.82 7.04 23.62
C THR B 257 8.15 8.50 23.81
N SER B 258 9.43 8.81 23.92
CA SER B 258 9.83 10.17 24.06
C SER B 258 10.10 10.81 22.63
N PRO B 259 10.09 12.13 22.54
CA PRO B 259 10.56 12.80 21.32
C PRO B 259 11.99 12.41 20.98
N LEU B 260 12.33 12.38 19.70
CA LEU B 260 13.69 11.91 19.31
C LEU B 260 14.91 12.64 19.95
N PHE B 261 14.86 13.94 20.11
CA PHE B 261 15.96 14.66 20.78
C PHE B 261 16.14 14.21 22.26
N GLU B 262 15.08 13.73 22.89
CA GLU B 262 15.11 13.32 24.30
C GLU B 262 15.22 11.82 24.44
N ASN B 263 15.28 11.12 23.31
CA ASN B 263 15.41 9.68 23.33
C ASN B 263 16.78 9.33 23.90
N GLU B 264 16.79 8.35 24.79
CA GLU B 264 17.99 8.07 25.59
C GLU B 264 19.09 7.41 24.77
N THR B 265 18.71 6.54 23.82
CA THR B 265 19.67 5.94 22.91
C THR B 265 20.31 7.01 22.00
N ILE B 266 19.47 7.89 21.45
CA ILE B 266 19.99 8.96 20.58
C ILE B 266 20.96 9.88 21.40
N LYS B 267 20.59 10.19 22.64
CA LYS B 267 21.42 11.05 23.47
C LYS B 267 22.73 10.37 23.77
N ALA B 268 22.66 9.08 24.05
CA ALA B 268 23.87 8.29 24.34
C ALA B 268 24.83 8.26 23.15
N ILE B 269 24.27 7.99 21.96
CA ILE B 269 25.11 8.00 20.74
C ILE B 269 25.70 9.40 20.50
N ALA B 270 24.93 10.44 20.75
CA ALA B 270 25.42 11.80 20.53
C ALA B 270 26.66 12.13 21.43
N ALA B 271 26.54 11.83 22.72
CA ALA B 271 27.64 12.05 23.67
C ALA B 271 28.83 11.21 23.29
N LYS B 272 28.63 9.94 22.98
CA LYS B 272 29.70 9.11 22.44
C LYS B 272 30.57 9.76 21.31
N HIS B 273 29.95 10.46 20.37
CA HIS B 273 30.68 11.09 19.28
C HIS B 273 30.97 12.57 19.48
N GLY B 274 30.52 13.14 20.59
CA GLY B 274 30.64 14.57 20.85
C GLY B 274 29.91 15.41 19.85
N LYS B 275 28.64 15.04 19.58
CA LYS B 275 27.83 15.69 18.57
C LYS B 275 26.46 15.88 19.13
N SER B 276 25.61 16.56 18.38
CA SER B 276 24.22 16.84 18.83
C SER B 276 23.28 15.63 18.56
N PRO B 277 22.19 15.49 19.34
CA PRO B 277 21.15 14.53 18.96
C PRO B 277 20.69 14.74 17.48
N ALA B 278 20.58 16.00 17.07
CA ALA B 278 20.20 16.33 15.68
C ALA B 278 21.17 15.82 14.66
N GLN B 279 22.44 15.97 14.94
CA GLN B 279 23.43 15.53 13.96
C GLN B 279 23.48 14.00 13.90
N VAL B 280 23.09 13.33 14.99
CA VAL B 280 23.01 11.89 15.00
C VAL B 280 21.83 11.46 14.14
N LEU B 281 20.73 12.14 14.30
CA LEU B 281 19.51 11.80 13.58
C LEU B 281 19.63 11.97 12.06
N LEU B 282 20.35 13.00 11.61
CA LEU B 282 20.62 13.21 10.17
C LEU B 282 21.65 12.28 9.63
N ARG B 283 22.70 12.04 10.40
CA ARG B 283 23.74 11.15 9.97
C ARG B 283 23.28 9.72 9.80
N TRP B 284 22.34 9.27 10.65
CA TRP B 284 21.71 7.97 10.50
C TRP B 284 21.11 7.78 9.10
N SER B 285 20.54 8.84 8.53
CA SER B 285 20.01 8.73 7.14
C SER B 285 21.13 8.91 6.11
N SER B 286 21.92 9.97 6.26
CA SER B 286 22.94 10.32 5.19
C SER B 286 23.98 9.25 5.05
N GLN B 287 24.44 8.70 6.17
CA GLN B 287 25.38 7.59 6.09
C GLN B 287 24.81 6.35 5.44
N ARG B 288 23.48 6.16 5.41
CA ARG B 288 22.90 5.02 4.67
C ARG B 288 22.47 5.40 3.25
N GLY B 289 22.97 6.53 2.75
CA GLY B 289 22.74 6.94 1.35
C GLY B 289 21.36 7.58 1.12
N ILE B 290 20.71 8.02 2.19
CA ILE B 290 19.40 8.64 2.07
C ILE B 290 19.56 10.18 2.12
N ALA B 291 18.88 10.88 1.23
CA ALA B 291 19.00 12.36 1.20
C ALA B 291 18.19 12.97 2.31
N ILE B 292 18.65 14.10 2.83
CA ILE B 292 17.97 14.72 3.94
C ILE B 292 17.70 16.16 3.58
N ILE B 293 16.70 16.73 4.21
CA ILE B 293 16.19 18.06 3.91
C ILE B 293 15.83 18.81 5.20
N PRO B 294 16.73 18.81 6.17
CA PRO B 294 16.38 19.49 7.38
C PRO B 294 16.10 20.96 7.14
N LYS B 295 15.12 21.45 7.85
CA LYS B 295 14.74 22.84 7.84
C LYS B 295 15.18 23.50 9.15
N SER B 296 15.83 24.63 8.99
CA SER B 296 16.81 25.14 9.91
C SER B 296 16.57 26.67 10.01
N ASN B 297 15.60 27.06 10.84
CA ASN B 297 15.15 28.48 10.92
C ASN B 297 16.15 29.52 11.59
N THR B 298 17.26 29.04 12.16
CA THR B 298 18.19 29.85 12.97
C THR B 298 19.54 29.45 12.44
N VAL B 299 20.54 30.32 12.51
CA VAL B 299 21.82 30.08 11.76
C VAL B 299 22.76 29.04 12.35
N PRO B 300 22.77 28.88 13.69
CA PRO B 300 23.64 27.77 14.15
C PRO B 300 23.04 26.39 13.80
N ARG B 301 21.70 26.28 13.80
CA ARG B 301 21.02 25.04 13.32
C ARG B 301 21.37 24.80 11.85
N LEU B 302 21.20 25.86 11.08
CA LEU B 302 21.59 25.89 9.67
C LEU B 302 23.00 25.41 9.39
N LEU B 303 23.98 25.85 10.17
CA LEU B 303 25.39 25.35 10.05
C LEU B 303 25.64 23.93 10.56
N GLU B 304 25.06 23.59 11.71
CA GLU B 304 25.20 22.27 12.28
C GLU B 304 24.64 21.25 11.29
N ASN B 305 23.45 21.55 10.79
CA ASN B 305 22.79 20.64 9.83
C ASN B 305 23.56 20.37 8.55
N LYS B 306 24.30 21.36 8.02
CA LYS B 306 25.14 21.07 6.85
C LYS B 306 26.38 20.22 7.16
N ASP B 307 26.91 20.32 8.38
CA ASP B 307 28.16 19.60 8.71
C ASP B 307 27.95 18.09 8.91
N VAL B 308 26.73 17.62 8.64
CA VAL B 308 26.27 16.30 9.00
C VAL B 308 27.27 15.18 8.77
N ASN B 309 28.08 15.26 7.73
CA ASN B 309 28.94 14.15 7.38
C ASN B 309 30.37 14.21 7.97
N SER B 310 30.53 14.90 9.07
CA SER B 310 31.81 15.01 9.75
C SER B 310 32.18 13.84 10.65
N PHE B 311 31.24 12.96 10.96
CA PHE B 311 31.52 11.76 11.75
C PHE B 311 30.82 10.57 11.15
N ASP B 312 31.21 9.38 11.54
CA ASP B 312 30.63 8.14 11.07
C ASP B 312 30.02 7.46 12.27
N LEU B 313 28.79 6.96 12.11
CA LEU B 313 28.22 6.11 13.13
C LEU B 313 28.88 4.79 12.96
N ASP B 314 29.07 4.03 14.05
CA ASP B 314 29.63 2.67 13.93
C ASP B 314 28.54 1.61 13.94
N GLU B 315 28.91 0.36 13.77
CA GLU B 315 27.97 -0.73 13.64
C GLU B 315 27.10 -0.84 14.93
N GLN B 316 27.67 -0.68 16.10
CA GLN B 316 26.84 -0.75 17.30
C GLN B 316 25.77 0.36 17.37
N ASP B 317 26.13 1.56 16.93
CA ASP B 317 25.23 2.71 16.85
C ASP B 317 24.04 2.36 15.94
N PHE B 318 24.29 1.79 14.75
CA PHE B 318 23.18 1.36 13.92
C PHE B 318 22.31 0.29 14.60
N ALA B 319 22.91 -0.67 15.31
CA ALA B 319 22.16 -1.70 15.99
C ALA B 319 21.30 -1.09 17.07
N ASP B 320 21.81 -0.13 17.82
CA ASP B 320 21.03 0.53 18.86
C ASP B 320 19.87 1.32 18.26
N ILE B 321 20.12 2.05 17.18
CA ILE B 321 19.11 2.86 16.55
C ILE B 321 18.05 1.97 15.90
N ALA B 322 18.45 0.83 15.36
CA ALA B 322 17.48 -0.06 14.74
C ALA B 322 16.41 -0.58 15.70
N LYS B 323 16.78 -0.76 16.96
CA LYS B 323 15.84 -1.19 17.98
C LYS B 323 14.71 -0.20 18.20
N LEU B 324 14.84 1.05 17.77
CA LEU B 324 13.85 2.05 18.02
C LEU B 324 12.60 2.00 17.18
N ASP B 325 12.61 1.20 16.11
CA ASP B 325 11.52 1.16 15.17
C ASP B 325 10.24 0.64 15.85
N ILE B 326 9.20 1.45 15.89
CA ILE B 326 7.89 1.09 16.45
C ILE B 326 6.76 1.43 15.47
N ASN B 327 7.09 1.76 14.21
CA ASN B 327 6.09 2.12 13.21
C ASN B 327 5.18 3.24 13.63
N LEU B 328 5.76 4.28 14.16
CA LEU B 328 5.04 5.45 14.57
C LEU B 328 5.12 6.47 13.43
N ARG B 329 4.00 6.71 12.81
CA ARG B 329 3.90 7.61 11.65
C ARG B 329 3.29 8.89 12.08
N PHE B 330 3.98 10.01 11.88
CA PHE B 330 3.42 11.31 12.20
C PHE B 330 2.55 11.90 11.10
N ASN B 331 2.81 11.62 9.83
CA ASN B 331 2.07 12.29 8.75
C ASN B 331 1.19 11.32 8.00
N ASP B 332 -0.09 11.27 8.34
CA ASP B 332 -0.98 10.29 7.74
C ASP B 332 -2.30 10.92 7.29
N PRO B 333 -2.61 10.89 5.99
CA PRO B 333 -3.91 11.34 5.45
C PRO B 333 -5.12 10.62 6.01
N TRP B 334 -4.95 9.48 6.68
CA TRP B 334 -6.06 8.90 7.46
C TRP B 334 -6.67 9.95 8.42
N ASP B 335 -5.80 10.80 8.95
CA ASP B 335 -6.19 11.86 9.86
C ASP B 335 -7.03 12.94 9.21
N TRP B 336 -6.94 13.11 7.88
CA TRP B 336 -7.69 14.14 7.20
C TRP B 336 -9.09 13.73 6.97
N ASP B 337 -9.26 12.57 6.37
CA ASP B 337 -10.51 12.14 5.87
C ASP B 337 -10.58 10.62 5.72
N LYS B 338 -9.81 9.89 6.53
CA LYS B 338 -9.79 8.40 6.43
C LYS B 338 -9.43 7.94 5.00
N ILE B 339 -8.39 8.53 4.47
CA ILE B 339 -7.88 8.20 3.14
C ILE B 339 -6.84 7.11 3.37
N PRO B 340 -6.99 5.94 2.74
CA PRO B 340 -6.27 4.75 3.12
C PRO B 340 -4.89 4.51 2.45
N ILE B 341 -4.10 5.55 2.40
CA ILE B 341 -2.78 5.56 1.78
C ILE B 341 -1.82 4.59 2.47
N PHE B 342 -1.78 4.61 3.81
CA PHE B 342 -0.81 3.79 4.50
C PHE B 342 -1.42 2.59 5.20
N VAL B 343 -2.52 2.06 4.71
CA VAL B 343 -3.37 1.08 5.37
C VAL B 343 -3.37 -0.29 4.60
#